data_4PDI
#
_entry.id   4PDI
#
_cell.length_a   91.535
_cell.length_b   91.535
_cell.length_c   140.974
_cell.angle_alpha   90.00
_cell.angle_beta   90.00
_cell.angle_gamma   90.00
#
_symmetry.space_group_name_H-M   'P 41 21 2'
#
loop_
_entity.id
_entity.type
_entity.pdbx_description
1 polymer 'Formamidopyrimidine-DNA glycosylase'
2 polymer "DNA (5'-D(*CP*TP*CP*TP*TP*TP*(SOS)P*TP*TP*TP*CP*TP*CP*G)-3')"
3 polymer "DNA (5'-D(*GP*CP*GP*AP*GP*AP*AP*AP*CP*AP*AP*AP*GP*A)-3')"
4 non-polymer 2-sulfanyl-1,9-dihydro-6H-purin-6-one
5 water water
#
loop_
_entity_poly.entity_id
_entity_poly.type
_entity_poly.pdbx_seq_one_letter_code
_entity_poly.pdbx_strand_id
1 'polypeptide(L)'
;PELPEVETVRRELEKRIVGQKIISIEATYPRMVLTGFEQLKKELTGKTIQGISRRGKYLIFEIGDDFRLISHLRMEGKYR
LATLDAPREKHDHLTMKFADGQLIYADVRKFGTWELISTDQVLPYFLKKKIGPEPTYEDFDEKLFREKLRKSTKKIKPYL
LEQTLVAGLGNIYVDEVLWLAKIHPEKETNQLIESSIHLLHDSIIEILQKAIKLGGSSIRTYSALGSTGKMQNELQVYGK
TGEKCSRCGAEIQKIKVAGRGTHFCPVCQQK
;
A
2 'polydeoxyribonucleotide' (DC)(DT)(DC)(DT)(DT)(DT)(SOS)(DT)(DT)(DT)(DC)(DT)(DC)(DG) B
3 'polydeoxyribonucleotide' (DG)(DC)(DG)(DA)(DG)(DA)(DA)(DA)(DC)(DA)(DA)(DA)(DG)(DA) C
#
loop_
_chem_comp.id
_chem_comp.type
_chem_comp.name
_chem_comp.formula
2ON non-polymer 2-sulfanyl-1,9-dihydro-6H-purin-6-one 'C5 H4 N4 O S'
DA DNA linking 2'-DEOXYADENOSINE-5'-MONOPHOSPHATE 'C10 H14 N5 O6 P'
DC DNA linking 2'-DEOXYCYTIDINE-5'-MONOPHOSPHATE 'C9 H14 N3 O7 P'
DG DNA linking 2'-DEOXYGUANOSINE-5'-MONOPHOSPHATE 'C10 H14 N5 O7 P'
DT DNA linking THYMIDINE-5'-MONOPHOSPHATE 'C10 H15 N2 O8 P'
SOS DNA linking '[(1R,2S,4R)-4-({2-AMINO-5-[BENZYL(FORMYL)AMINO]-6-OXO-1,6-DIHYDROPYRIMIDIN-4-YL}AMINO)-2-HYDROXYCYCLOPENTYL]METHYL DIHYDROGEN PHOSPHATE' 'C18 H24 N5 O7 P'
#
# COMPACT_ATOMS: atom_id res chain seq x y z
N PRO A 1 2.28 3.52 4.40
CA PRO A 1 0.88 3.23 4.08
C PRO A 1 0.70 1.80 3.59
N GLU A 2 -0.55 1.35 3.49
CA GLU A 2 -0.87 0.05 2.89
C GLU A 2 -1.83 0.33 1.72
N LEU A 3 -2.38 -0.70 1.10
CA LEU A 3 -3.15 -0.47 -0.13
C LEU A 3 -4.28 0.59 0.03
N PRO A 4 -5.12 0.47 1.08
CA PRO A 4 -6.23 1.43 1.21
C PRO A 4 -5.78 2.89 1.26
N GLU A 5 -4.68 3.15 1.94
CA GLU A 5 -4.15 4.51 2.05
C GLU A 5 -3.58 4.99 0.71
N VAL A 6 -2.87 4.11 0.00
CA VAL A 6 -2.35 4.47 -1.32
C VAL A 6 -3.52 4.76 -2.27
N GLU A 7 -4.57 3.95 -2.20
CA GLU A 7 -5.75 4.16 -3.04
C GLU A 7 -6.40 5.50 -2.72
N THR A 8 -6.46 5.85 -1.43
CA THR A 8 -7.02 7.14 -1.01
C THR A 8 -6.20 8.29 -1.58
N VAL A 9 -4.87 8.16 -1.54
CA VAL A 9 -3.99 9.18 -2.12
C VAL A 9 -4.21 9.25 -3.64
N ARG A 10 -4.33 8.08 -4.27
CA ARG A 10 -4.55 8.01 -5.71
C ARG A 10 -5.80 8.82 -6.10
N ARG A 11 -6.87 8.62 -5.33
CA ARG A 11 -8.13 9.27 -5.66
C ARG A 11 -8.04 10.79 -5.49
N GLU A 12 -7.36 11.24 -4.43
CA GLU A 12 -7.24 12.66 -4.18
C GLU A 12 -6.42 13.33 -5.28
N LEU A 13 -5.33 12.66 -5.68
CA LEU A 13 -4.47 13.18 -6.74
C LEU A 13 -5.17 13.22 -8.10
N GLU A 14 -5.94 12.16 -8.38
CA GLU A 14 -6.65 12.05 -9.64
C GLU A 14 -7.58 13.24 -9.84
N LYS A 15 -8.21 13.68 -8.74
CA LYS A 15 -9.11 14.82 -8.78
C LYS A 15 -8.38 16.11 -9.07
N ARG A 16 -7.11 16.19 -8.71
CA ARG A 16 -6.46 17.50 -8.68
C ARG A 16 -5.33 17.74 -9.68
N ILE A 17 -4.56 16.71 -10.04
CA ILE A 17 -3.39 16.97 -10.87
C ILE A 17 -3.55 16.45 -12.30
N VAL A 18 -4.63 15.71 -12.57
CA VAL A 18 -4.86 15.26 -13.92
C VAL A 18 -5.09 16.49 -14.81
N GLY A 19 -4.41 16.55 -15.95
CA GLY A 19 -4.49 17.71 -16.82
C GLY A 19 -3.36 18.69 -16.58
N GLN A 20 -2.61 18.54 -15.49
CA GLN A 20 -1.57 19.52 -15.14
C GLN A 20 -0.29 19.29 -15.94
N LYS A 21 0.24 20.37 -16.50
CA LYS A 21 1.55 20.30 -17.15
C LYS A 21 2.66 20.46 -16.12
N ILE A 22 3.65 19.56 -16.17
CA ILE A 22 4.80 19.68 -15.29
C ILE A 22 5.73 20.78 -15.78
N ILE A 23 5.92 21.81 -14.97
CA ILE A 23 6.76 22.93 -15.41
C ILE A 23 8.22 22.67 -15.08
N SER A 24 8.46 22.14 -13.88
CA SER A 24 9.81 21.74 -13.52
C SER A 24 9.77 20.64 -12.47
N ILE A 25 10.89 19.95 -12.31
CA ILE A 25 11.03 18.94 -11.28
C ILE A 25 12.35 19.17 -10.53
N GLU A 26 12.29 19.16 -9.20
CA GLU A 26 13.45 19.42 -8.36
C GLU A 26 13.64 18.32 -7.33
N ALA A 27 14.88 18.00 -7.00
CA ALA A 27 15.16 16.98 -5.99
C ALA A 27 16.19 17.46 -4.98
N THR A 28 15.95 17.19 -3.70
CA THR A 28 17.00 17.36 -2.71
C THR A 28 17.52 15.97 -2.31
N TYR A 29 16.79 14.93 -2.69
CA TYR A 29 17.24 13.56 -2.49
C TYR A 29 17.08 12.74 -3.77
N PRO A 30 17.89 13.04 -4.80
CA PRO A 30 17.76 12.37 -6.10
C PRO A 30 17.97 10.86 -6.03
N ARG A 31 18.64 10.40 -4.98
CA ARG A 31 18.93 8.99 -4.80
C ARG A 31 17.66 8.10 -4.69
N MET A 32 16.52 8.66 -4.32
CA MET A 32 15.30 7.83 -4.25
C MET A 32 14.70 7.61 -5.65
N VAL A 33 15.25 8.26 -6.67
CA VAL A 33 14.80 8.05 -8.04
C VAL A 33 15.68 6.96 -8.66
N LEU A 34 15.22 5.71 -8.55
CA LEU A 34 16.06 4.54 -8.80
C LEU A 34 16.52 4.44 -10.26
N THR A 35 15.76 5.03 -11.18
CA THR A 35 16.10 4.96 -12.59
C THR A 35 16.96 6.14 -13.03
N GLY A 36 17.24 7.07 -12.11
CA GLY A 36 18.11 8.19 -12.42
C GLY A 36 17.35 9.51 -12.43
N PHE A 37 17.71 10.42 -11.54
CA PHE A 37 16.94 11.66 -11.45
C PHE A 37 17.07 12.55 -12.69
N GLU A 38 18.28 12.72 -13.21
CA GLU A 38 18.48 13.60 -14.36
CA GLU A 38 18.45 13.62 -14.34
C GLU A 38 17.69 13.06 -15.54
N GLN A 39 17.67 11.74 -15.68
CA GLN A 39 16.88 11.10 -16.73
CA GLN A 39 16.90 11.10 -16.72
C GLN A 39 15.40 11.40 -16.53
N LEU A 40 14.91 11.24 -15.31
CA LEU A 40 13.50 11.49 -15.05
C LEU A 40 13.11 12.95 -15.32
N LYS A 41 13.94 13.87 -14.84
CA LYS A 41 13.72 15.30 -15.05
C LYS A 41 13.68 15.64 -16.55
N LYS A 42 14.61 15.08 -17.32
CA LYS A 42 14.65 15.36 -18.75
C LYS A 42 13.39 14.85 -19.46
N GLU A 43 12.97 13.63 -19.14
CA GLU A 43 11.84 13.04 -19.83
C GLU A 43 10.49 13.66 -19.45
N LEU A 44 10.31 14.05 -18.18
CA LEU A 44 8.97 14.42 -17.73
C LEU A 44 8.68 15.92 -17.73
N THR A 45 9.73 16.72 -17.68
CA THR A 45 9.56 18.17 -17.67
C THR A 45 8.81 18.60 -18.93
N GLY A 46 7.71 19.34 -18.76
CA GLY A 46 6.96 19.81 -19.91
C GLY A 46 5.86 18.85 -20.33
N LYS A 47 5.79 17.68 -19.69
CA LYS A 47 4.74 16.70 -20.00
C LYS A 47 3.49 16.94 -19.16
N THR A 48 2.36 16.43 -19.64
CA THR A 48 1.09 16.57 -18.95
C THR A 48 0.64 15.26 -18.29
N ILE A 49 0.19 15.38 -17.05
CA ILE A 49 -0.27 14.22 -16.30
C ILE A 49 -1.64 13.79 -16.83
N GLN A 50 -1.70 12.57 -17.38
CA GLN A 50 -2.93 12.05 -18.00
C GLN A 50 -3.79 11.29 -16.99
N GLY A 51 -3.18 10.75 -15.95
CA GLY A 51 -3.92 9.96 -14.99
C GLY A 51 -3.06 9.39 -13.89
N ILE A 52 -3.72 8.80 -12.88
CA ILE A 52 -3.05 8.18 -11.74
C ILE A 52 -3.68 6.82 -11.49
N SER A 53 -2.88 5.77 -11.54
CA SER A 53 -3.40 4.43 -11.27
C SER A 53 -2.70 3.84 -10.05
N ARG A 54 -3.08 2.62 -9.69
CA ARG A 54 -2.47 1.95 -8.57
C ARG A 54 -2.36 0.45 -8.87
N ARG A 55 -1.34 -0.19 -8.36
CA ARG A 55 -1.23 -1.65 -8.43
C ARG A 55 -0.63 -2.07 -7.11
N GLY A 56 -1.35 -2.90 -6.36
CA GLY A 56 -0.94 -3.20 -4.99
C GLY A 56 -0.71 -1.90 -4.23
N LYS A 57 0.44 -1.79 -3.57
CA LYS A 57 0.78 -0.57 -2.83
C LYS A 57 1.48 0.50 -3.70
N TYR A 58 1.63 0.22 -5.00
CA TYR A 58 2.35 1.13 -5.90
C TYR A 58 1.43 2.17 -6.55
N LEU A 59 1.82 3.44 -6.45
CA LEU A 59 1.20 4.50 -7.22
C LEU A 59 1.78 4.54 -8.62
N ILE A 60 0.93 4.79 -9.63
CA ILE A 60 1.39 4.88 -11.01
C ILE A 60 0.94 6.18 -11.66
N PHE A 61 1.85 7.12 -11.84
CA PHE A 61 1.53 8.37 -12.53
C PHE A 61 1.64 8.12 -14.02
N GLU A 62 0.59 8.46 -14.76
CA GLU A 62 0.61 8.34 -16.21
C GLU A 62 0.94 9.70 -16.79
N ILE A 63 2.13 9.83 -17.38
CA ILE A 63 2.64 11.14 -17.75
C ILE A 63 3.13 11.15 -19.17
N GLY A 64 2.34 11.77 -20.05
CA GLY A 64 2.55 11.61 -21.48
C GLY A 64 2.07 10.21 -21.84
N ASP A 65 2.07 9.90 -23.13
CA ASP A 65 1.58 8.61 -23.59
C ASP A 65 2.55 7.47 -23.28
N ASP A 66 3.84 7.81 -23.21
CA ASP A 66 4.87 6.79 -23.29
C ASP A 66 5.63 6.57 -21.97
N PHE A 67 5.27 7.32 -20.92
CA PHE A 67 5.94 7.11 -19.64
C PHE A 67 5.00 6.97 -18.45
N ARG A 68 5.45 6.16 -17.49
CA ARG A 68 4.80 6.01 -16.21
C ARG A 68 5.82 6.24 -15.13
N LEU A 69 5.41 6.95 -14.09
CA LEU A 69 6.23 7.12 -12.90
C LEU A 69 5.66 6.22 -11.81
N ILE A 70 6.43 5.20 -11.45
CA ILE A 70 5.98 4.23 -10.48
C ILE A 70 6.55 4.63 -9.14
N SER A 71 5.66 4.90 -8.19
CA SER A 71 6.08 5.43 -6.90
C SER A 71 5.65 4.48 -5.80
N HIS A 72 6.57 4.20 -4.90
CA HIS A 72 6.26 3.42 -3.71
C HIS A 72 6.53 4.27 -2.50
N LEU A 73 5.56 4.33 -1.59
CA LEU A 73 5.65 5.21 -0.42
C LEU A 73 6.21 4.46 0.80
N ARG A 74 6.39 3.16 0.65
CA ARG A 74 6.96 2.31 1.70
C ARG A 74 6.31 2.54 3.06
N MET A 75 7.11 2.89 4.07
CA MET A 75 6.58 2.98 5.44
C MET A 75 5.79 4.25 5.68
N GLU A 76 6.30 5.40 5.28
CA GLU A 76 5.60 6.64 5.63
C GLU A 76 5.80 7.80 4.65
N GLY A 77 6.00 7.46 3.38
CA GLY A 77 6.05 8.47 2.34
C GLY A 77 4.75 9.26 2.33
N LYS A 78 4.84 10.56 2.09
CA LYS A 78 3.66 11.44 2.06
C LYS A 78 3.73 12.41 0.89
N TYR A 79 2.61 12.54 0.18
CA TYR A 79 2.44 13.57 -0.84
C TYR A 79 1.60 14.72 -0.32
N ARG A 80 1.93 15.94 -0.75
CA ARG A 80 1.02 17.06 -0.51
C ARG A 80 1.06 18.05 -1.69
N LEU A 81 -0.06 18.72 -1.88
CA LEU A 81 -0.16 19.77 -2.89
C LEU A 81 -0.03 21.12 -2.19
N ALA A 82 0.98 21.88 -2.59
CA ALA A 82 1.30 23.15 -1.92
C ALA A 82 1.36 24.28 -2.93
N THR A 83 1.24 25.52 -2.45
CA THR A 83 1.47 26.69 -3.28
C THR A 83 2.94 26.71 -3.71
N LEU A 84 3.23 27.48 -4.75
CA LEU A 84 4.59 27.57 -5.29
C LEU A 84 5.56 28.22 -4.30
N ASP A 85 5.05 29.03 -3.38
CA ASP A 85 5.92 29.72 -2.41
C ASP A 85 6.02 28.98 -1.07
N ALA A 86 5.53 27.75 -1.01
CA ALA A 86 5.53 27.01 0.25
C ALA A 86 6.95 26.79 0.71
N PRO A 87 7.22 26.95 2.01
CA PRO A 87 8.57 26.70 2.54
C PRO A 87 8.93 25.23 2.49
N ARG A 88 10.22 24.93 2.40
CA ARG A 88 10.67 23.53 2.43
C ARG A 88 10.51 22.98 3.83
N GLU A 89 10.07 21.74 3.94
CA GLU A 89 10.06 21.05 5.23
C GLU A 89 11.19 20.04 5.26
N LYS A 90 11.61 19.68 6.46
CA LYS A 90 12.84 18.93 6.68
C LYS A 90 12.97 17.64 5.85
N HIS A 91 11.88 16.90 5.73
CA HIS A 91 12.00 15.62 5.03
C HIS A 91 11.35 15.61 3.63
N ASP A 92 11.18 16.80 3.04
CA ASP A 92 10.82 16.90 1.63
C ASP A 92 12.00 16.44 0.77
N HIS A 93 11.73 15.64 -0.26
CA HIS A 93 12.79 15.12 -1.11
C HIS A 93 12.65 15.48 -2.59
N LEU A 94 11.41 15.55 -3.07
CA LEU A 94 11.14 15.81 -4.49
C LEU A 94 9.94 16.71 -4.65
N THR A 95 9.92 17.49 -5.73
CA THR A 95 8.71 18.22 -6.07
C THR A 95 8.52 18.27 -7.58
N MET A 96 7.27 18.14 -7.99
CA MET A 96 6.85 18.47 -9.35
C MET A 96 6.18 19.81 -9.28
N LYS A 97 6.71 20.80 -9.99
CA LYS A 97 6.06 22.08 -9.97
C LYS A 97 5.17 22.27 -11.18
N PHE A 98 3.93 22.66 -10.92
CA PHE A 98 2.98 23.03 -11.96
C PHE A 98 2.95 24.56 -12.02
N ALA A 99 2.08 25.10 -12.87
CA ALA A 99 1.97 26.55 -13.01
C ALA A 99 1.29 27.21 -11.80
N ASP A 100 0.43 26.47 -11.10
CA ASP A 100 -0.37 27.05 -10.01
C ASP A 100 -0.22 26.34 -8.67
N GLY A 101 0.82 25.54 -8.52
CA GLY A 101 1.06 24.81 -7.28
C GLY A 101 2.10 23.74 -7.54
N GLN A 102 2.40 22.94 -6.53
CA GLN A 102 3.39 21.89 -6.67
C GLN A 102 3.04 20.66 -5.87
N LEU A 103 3.52 19.52 -6.34
CA LEU A 103 3.32 18.25 -5.65
C LEU A 103 4.63 17.83 -5.01
N ILE A 104 4.65 17.80 -3.68
CA ILE A 104 5.87 17.51 -2.95
C ILE A 104 5.84 16.12 -2.32
N TYR A 105 6.92 15.36 -2.48
CA TYR A 105 7.06 14.07 -1.80
C TYR A 105 8.00 14.18 -0.62
N ALA A 106 7.53 13.73 0.53
CA ALA A 106 8.31 13.72 1.76
C ALA A 106 8.35 12.29 2.30
N ASP A 107 9.41 11.96 3.01
CA ASP A 107 9.58 10.61 3.53
C ASP A 107 10.67 10.61 4.61
N VAL A 108 10.25 10.58 5.86
CA VAL A 108 11.20 10.68 6.98
C VAL A 108 12.32 9.64 6.85
N ARG A 109 11.97 8.39 6.55
CA ARG A 109 12.98 7.34 6.57
C ARG A 109 13.70 7.17 5.23
N LYS A 110 13.27 7.93 4.23
CA LYS A 110 13.84 7.89 2.89
C LYS A 110 13.71 6.51 2.23
N PHE A 111 12.68 5.74 2.59
CA PHE A 111 12.53 4.39 2.03
C PHE A 111 11.84 4.42 0.66
N GLY A 112 10.91 5.35 0.50
CA GLY A 112 10.09 5.44 -0.70
C GLY A 112 10.91 5.63 -1.97
N THR A 113 10.36 5.15 -3.09
CA THR A 113 11.09 5.13 -4.35
C THR A 113 10.29 5.68 -5.53
N TRP A 114 11.01 6.20 -6.51
CA TRP A 114 10.46 6.59 -7.81
C TRP A 114 11.21 5.85 -8.92
N GLU A 115 10.46 5.35 -9.89
CA GLU A 115 11.03 4.71 -11.07
C GLU A 115 10.31 5.17 -12.33
N LEU A 116 11.07 5.65 -13.30
CA LEU A 116 10.52 6.03 -14.60
C LEU A 116 10.51 4.80 -15.52
N ILE A 117 9.32 4.40 -15.96
CA ILE A 117 9.13 3.18 -16.75
C ILE A 117 8.37 3.51 -18.03
N SER A 118 8.80 2.99 -19.18
CA SER A 118 8.01 3.21 -20.40
C SER A 118 6.68 2.47 -20.27
N THR A 119 5.67 3.01 -20.94
CA THR A 119 4.31 2.49 -20.84
C THR A 119 4.21 0.98 -21.13
N ASP A 120 4.85 0.50 -22.21
CA ASP A 120 4.74 -0.93 -22.52
C ASP A 120 5.62 -1.78 -21.58
N GLN A 121 6.24 -1.16 -20.58
CA GLN A 121 7.05 -1.92 -19.64
C GLN A 121 6.41 -2.01 -18.26
N VAL A 122 5.24 -1.38 -18.11
CA VAL A 122 4.55 -1.41 -16.81
C VAL A 122 4.06 -2.81 -16.43
N LEU A 123 3.34 -3.48 -17.32
CA LEU A 123 2.91 -4.83 -16.98
C LEU A 123 4.10 -5.78 -16.71
N PRO A 124 5.15 -5.76 -17.56
CA PRO A 124 6.31 -6.59 -17.22
C PRO A 124 6.95 -6.24 -15.87
N TYR A 125 6.96 -4.95 -15.52
CA TYR A 125 7.51 -4.51 -14.24
C TYR A 125 6.82 -5.25 -13.09
N PHE A 126 5.50 -5.33 -13.12
CA PHE A 126 4.80 -5.96 -12.00
C PHE A 126 4.85 -7.49 -12.07
N LEU A 127 4.88 -8.04 -13.29
CA LEU A 127 5.13 -9.48 -13.44
C LEU A 127 6.48 -9.86 -12.82
N LYS A 128 7.53 -9.07 -13.08
CA LYS A 128 8.85 -9.39 -12.56
C LYS A 128 8.83 -9.40 -11.04
N LYS A 129 8.02 -8.52 -10.44
CA LYS A 129 7.90 -8.46 -8.99
C LYS A 129 6.94 -9.52 -8.42
N LYS A 130 6.30 -10.29 -9.31
CA LYS A 130 5.39 -11.38 -8.93
C LYS A 130 4.25 -10.92 -8.01
N ILE A 131 3.82 -9.67 -8.15
CA ILE A 131 2.69 -9.15 -7.38
C ILE A 131 1.44 -9.99 -7.66
N GLY A 132 0.75 -10.40 -6.60
CA GLY A 132 -0.48 -11.16 -6.73
C GLY A 132 -1.67 -10.30 -7.13
N PRO A 133 -2.86 -10.92 -7.16
CA PRO A 133 -4.04 -10.19 -7.67
C PRO A 133 -4.50 -9.07 -6.74
N GLU A 134 -5.18 -8.07 -7.32
CA GLU A 134 -5.86 -7.04 -6.53
C GLU A 134 -6.91 -7.69 -5.64
N PRO A 135 -7.12 -7.12 -4.45
CA PRO A 135 -8.05 -7.70 -3.47
C PRO A 135 -9.50 -7.32 -3.76
N THR A 136 -10.02 -7.85 -4.87
CA THR A 136 -11.41 -7.67 -5.26
C THR A 136 -12.02 -9.03 -5.57
N TYR A 137 -13.35 -9.12 -5.49
CA TYR A 137 -14.00 -10.37 -5.83
C TYR A 137 -13.69 -10.77 -7.27
N GLU A 138 -13.63 -9.77 -8.16
CA GLU A 138 -13.40 -10.05 -9.58
C GLU A 138 -11.96 -10.56 -9.85
N ASP A 139 -10.97 -10.02 -9.14
CA ASP A 139 -9.58 -10.36 -9.43
C ASP A 139 -8.99 -11.47 -8.55
N PHE A 140 -9.48 -11.58 -7.32
CA PHE A 140 -8.88 -12.47 -6.32
C PHE A 140 -9.58 -13.81 -6.36
N ASP A 141 -9.06 -14.73 -7.18
CA ASP A 141 -9.65 -16.06 -7.34
C ASP A 141 -9.33 -16.98 -6.15
N GLU A 142 -10.36 -17.37 -5.43
CA GLU A 142 -10.19 -18.23 -4.25
C GLU A 142 -9.60 -19.61 -4.62
N LYS A 143 -9.91 -20.10 -5.82
CA LYS A 143 -9.47 -21.44 -6.21
C LYS A 143 -7.95 -21.52 -6.28
N LEU A 144 -7.35 -20.55 -6.96
CA LEU A 144 -5.89 -20.46 -7.06
C LEU A 144 -5.28 -20.20 -5.69
N PHE A 145 -5.89 -19.28 -4.95
CA PHE A 145 -5.50 -18.99 -3.56
C PHE A 145 -5.37 -20.30 -2.76
N ARG A 146 -6.43 -21.10 -2.79
CA ARG A 146 -6.48 -22.37 -2.07
C ARG A 146 -5.32 -23.29 -2.49
N GLU A 147 -5.06 -23.36 -3.79
CA GLU A 147 -4.02 -24.23 -4.29
C GLU A 147 -2.66 -23.77 -3.81
N LYS A 148 -2.42 -22.46 -3.82
CA LYS A 148 -1.11 -21.98 -3.39
C LYS A 148 -0.89 -22.22 -1.89
N LEU A 149 -1.97 -22.07 -1.11
CA LEU A 149 -1.89 -22.32 0.34
C LEU A 149 -1.60 -23.79 0.64
N ARG A 150 -2.23 -24.67 -0.14
CA ARG A 150 -2.03 -26.12 0.01
C ARG A 150 -0.58 -26.52 -0.24
N LYS A 151 0.08 -25.85 -1.18
CA LYS A 151 1.39 -26.28 -1.62
C LYS A 151 2.54 -25.70 -0.80
N SER A 152 2.23 -24.91 0.22
CA SER A 152 3.27 -24.21 0.96
C SER A 152 3.30 -24.62 2.43
N THR A 153 4.49 -24.58 3.02
CA THR A 153 4.61 -24.78 4.45
C THR A 153 4.92 -23.47 5.17
N LYS A 154 4.82 -22.37 4.45
CA LYS A 154 5.00 -21.07 5.09
C LYS A 154 3.92 -20.81 6.12
N LYS A 155 4.23 -19.96 7.10
CA LYS A 155 3.24 -19.40 8.02
C LYS A 155 2.35 -18.39 7.29
N ILE A 156 1.05 -18.37 7.62
CA ILE A 156 0.11 -17.56 6.85
C ILE A 156 0.41 -16.03 6.90
N LYS A 157 0.79 -15.47 8.05
CA LYS A 157 1.03 -14.03 8.07
C LYS A 157 2.22 -13.61 7.18
N PRO A 158 3.42 -14.18 7.37
CA PRO A 158 4.46 -13.74 6.43
C PRO A 158 4.11 -14.03 4.96
N TYR A 159 3.43 -15.14 4.68
CA TYR A 159 3.14 -15.44 3.28
C TYR A 159 2.20 -14.37 2.72
N LEU A 160 1.18 -13.98 3.47
CA LEU A 160 0.29 -12.89 3.04
C LEU A 160 1.07 -11.58 2.80
N LEU A 161 2.04 -11.29 3.68
CA LEU A 161 2.81 -10.06 3.57
C LEU A 161 3.73 -10.02 2.33
N GLU A 162 4.00 -11.18 1.73
CA GLU A 162 4.87 -11.24 0.54
C GLU A 162 4.31 -10.56 -0.72
N GLN A 163 3.00 -10.30 -0.72
CA GLN A 163 2.29 -9.64 -1.83
C GLN A 163 1.99 -10.60 -3.01
N THR A 164 2.39 -11.86 -2.89
CA THR A 164 2.29 -12.79 -4.01
C THR A 164 0.96 -13.56 -4.06
N LEU A 165 0.35 -13.81 -2.90
CA LEU A 165 -0.95 -14.49 -2.87
C LEU A 165 -2.07 -13.52 -3.25
N VAL A 166 -1.86 -12.26 -2.86
CA VAL A 166 -2.81 -11.18 -3.05
C VAL A 166 -2.07 -9.87 -2.72
N ALA A 167 -2.41 -8.79 -3.41
CA ALA A 167 -1.65 -7.55 -3.25
C ALA A 167 -2.30 -6.60 -2.25
N GLY A 168 -1.49 -5.95 -1.42
CA GLY A 168 -2.00 -4.81 -0.68
C GLY A 168 -1.97 -4.84 0.83
N LEU A 169 -1.84 -6.04 1.41
CA LEU A 169 -1.79 -6.18 2.86
C LEU A 169 -0.42 -5.79 3.40
N GLY A 170 -0.42 -4.94 4.43
CA GLY A 170 0.79 -4.70 5.21
C GLY A 170 0.54 -5.16 6.64
N ASN A 171 1.39 -4.71 7.57
CA ASN A 171 1.35 -5.25 8.93
C ASN A 171 0.01 -4.98 9.63
N ILE A 172 -0.59 -3.82 9.36
CA ILE A 172 -1.84 -3.50 10.03
C ILE A 172 -3.00 -4.36 9.53
N TYR A 173 -3.25 -4.32 8.22
CA TYR A 173 -4.40 -5.03 7.71
C TYR A 173 -4.24 -6.55 7.74
N VAL A 174 -3.00 -7.06 7.75
CA VAL A 174 -2.87 -8.51 7.86
C VAL A 174 -3.26 -8.96 9.29
N ASP A 175 -2.89 -8.19 10.31
CA ASP A 175 -3.32 -8.54 11.67
C ASP A 175 -4.85 -8.45 11.77
N GLU A 176 -5.44 -7.45 11.10
CA GLU A 176 -6.89 -7.26 11.18
C GLU A 176 -7.60 -8.39 10.45
N VAL A 177 -7.06 -8.77 9.30
CA VAL A 177 -7.63 -9.82 8.49
C VAL A 177 -7.62 -11.14 9.24
N LEU A 178 -6.49 -11.46 9.87
CA LEU A 178 -6.35 -12.75 10.52
C LEU A 178 -7.23 -12.83 11.78
N TRP A 179 -7.46 -11.70 12.46
CA TRP A 179 -8.38 -11.71 13.59
C TRP A 179 -9.79 -11.98 13.06
N LEU A 180 -10.17 -11.27 12.01
CA LEU A 180 -11.51 -11.42 11.45
C LEU A 180 -11.74 -12.83 10.94
N ALA A 181 -10.70 -13.45 10.37
CA ALA A 181 -10.82 -14.80 9.84
C ALA A 181 -10.54 -15.89 10.89
N LYS A 182 -10.29 -15.49 12.13
CA LYS A 182 -10.03 -16.42 13.23
C LYS A 182 -8.91 -17.41 12.91
N ILE A 183 -7.82 -16.89 12.37
CA ILE A 183 -6.66 -17.70 12.00
C ILE A 183 -5.40 -17.23 12.73
N HIS A 184 -4.64 -18.16 13.28
CA HIS A 184 -3.38 -17.86 13.96
C HIS A 184 -2.33 -17.38 12.95
N PRO A 185 -1.61 -16.30 13.27
CA PRO A 185 -0.65 -15.77 12.28
C PRO A 185 0.49 -16.74 11.97
N GLU A 186 0.76 -17.69 12.84
CA GLU A 186 1.79 -18.69 12.54
C GLU A 186 1.22 -20.00 12.00
N LYS A 187 -0.08 -20.01 11.68
CA LYS A 187 -0.70 -21.19 11.07
C LYS A 187 -0.01 -21.53 9.75
N GLU A 188 0.44 -22.78 9.62
CA GLU A 188 1.06 -23.22 8.38
C GLU A 188 -0.02 -23.39 7.31
N THR A 189 0.19 -22.78 6.15
CA THR A 189 -0.91 -22.62 5.21
C THR A 189 -1.45 -23.96 4.72
N ASN A 190 -0.59 -24.97 4.59
CA ASN A 190 -1.06 -26.27 4.12
C ASN A 190 -1.91 -27.00 5.16
N GLN A 191 -2.05 -26.39 6.35
CA GLN A 191 -2.95 -26.94 7.36
C GLN A 191 -4.32 -26.28 7.30
N LEU A 192 -4.44 -25.16 6.58
CA LEU A 192 -5.73 -24.47 6.49
C LEU A 192 -6.74 -25.36 5.76
N ILE A 193 -7.97 -25.45 6.28
CA ILE A 193 -9.02 -26.19 5.57
C ILE A 193 -9.84 -25.24 4.68
N GLU A 194 -10.61 -25.84 3.78
CA GLU A 194 -11.29 -25.10 2.73
C GLU A 194 -12.18 -23.97 3.27
N SER A 195 -12.99 -24.29 4.28
CA SER A 195 -13.91 -23.31 4.85
C SER A 195 -13.15 -22.13 5.44
N SER A 196 -12.05 -22.43 6.10
CA SER A 196 -11.18 -21.40 6.68
C SER A 196 -10.55 -20.53 5.58
N ILE A 197 -10.08 -21.18 4.52
CA ILE A 197 -9.51 -20.43 3.41
C ILE A 197 -10.56 -19.52 2.75
N HIS A 198 -11.80 -19.99 2.70
CA HIS A 198 -12.89 -19.21 2.15
C HIS A 198 -13.14 -17.95 2.97
N LEU A 199 -13.21 -18.10 4.29
CA LEU A 199 -13.40 -16.96 5.20
C LEU A 199 -12.21 -15.99 5.11
N LEU A 200 -11.01 -16.54 4.98
CA LEU A 200 -9.81 -15.71 4.85
C LEU A 200 -9.90 -14.86 3.57
N HIS A 201 -10.22 -15.54 2.48
CA HIS A 201 -10.36 -14.90 1.17
C HIS A 201 -11.34 -13.72 1.22
N ASP A 202 -12.55 -14.00 1.72
CA ASP A 202 -13.58 -12.97 1.79
C ASP A 202 -13.18 -11.85 2.74
N SER A 203 -12.52 -12.20 3.83
CA SER A 203 -12.17 -11.22 4.86
C SER A 203 -11.14 -10.24 4.32
N ILE A 204 -10.19 -10.77 3.55
CA ILE A 204 -9.17 -9.91 2.94
C ILE A 204 -9.85 -8.83 2.11
N ILE A 205 -10.75 -9.27 1.24
CA ILE A 205 -11.47 -8.35 0.37
C ILE A 205 -12.32 -7.39 1.20
N GLU A 206 -13.08 -7.93 2.15
CA GLU A 206 -13.96 -7.11 2.97
CA GLU A 206 -13.95 -7.14 3.00
C GLU A 206 -13.21 -6.04 3.77
N ILE A 207 -12.14 -6.42 4.47
CA ILE A 207 -11.39 -5.44 5.27
C ILE A 207 -10.79 -4.33 4.39
N LEU A 208 -10.11 -4.72 3.31
CA LEU A 208 -9.45 -3.74 2.46
C LEU A 208 -10.45 -2.81 1.77
N GLN A 209 -11.56 -3.37 1.28
CA GLN A 209 -12.56 -2.54 0.61
C GLN A 209 -13.24 -1.59 1.62
N LYS A 210 -13.46 -2.06 2.84
CA LYS A 210 -14.00 -1.20 3.90
C LYS A 210 -13.03 -0.07 4.21
N ALA A 211 -11.75 -0.41 4.34
CA ALA A 211 -10.72 0.59 4.61
C ALA A 211 -10.68 1.67 3.52
N ILE A 212 -10.75 1.25 2.27
CA ILE A 212 -10.79 2.18 1.14
C ILE A 212 -12.00 3.12 1.26
N LYS A 213 -13.17 2.56 1.51
CA LYS A 213 -14.38 3.39 1.65
C LYS A 213 -14.21 4.43 2.76
N LEU A 214 -13.56 4.04 3.86
CA LEU A 214 -13.41 4.95 5.00
C LEU A 214 -12.22 5.89 4.86
N GLY A 215 -11.60 5.90 3.68
CA GLY A 215 -10.52 6.82 3.39
C GLY A 215 -9.20 6.39 4.01
N GLY A 216 -9.06 5.10 4.29
CA GLY A 216 -7.85 4.58 4.92
C GLY A 216 -7.79 4.78 6.42
N SER A 217 -6.79 4.18 7.04
CA SER A 217 -6.52 4.42 8.47
C SER A 217 -5.44 5.48 8.58
N SER A 218 -5.75 6.57 9.26
CA SER A 218 -4.80 7.63 9.46
C SER A 218 -4.24 7.53 10.86
N ILE A 219 -2.97 7.16 10.95
CA ILE A 219 -2.30 6.97 12.22
C ILE A 219 -1.20 8.02 12.33
N ARG A 220 -1.17 8.71 13.47
CA ARG A 220 -0.34 9.90 13.68
C ARG A 220 -0.69 11.01 12.68
N ALA A 224 -0.75 16.38 4.70
CA ALA A 224 -0.59 15.50 3.55
C ALA A 224 -1.91 14.93 3.06
N LEU A 225 -1.94 14.55 1.79
CA LEU A 225 -3.08 13.83 1.23
C LEU A 225 -3.27 12.50 1.97
N GLY A 226 -4.51 12.08 2.13
CA GLY A 226 -4.83 10.85 2.84
C GLY A 226 -4.87 10.97 4.35
N SER A 227 -4.95 12.19 4.85
CA SER A 227 -4.87 12.44 6.29
C SER A 227 -6.23 12.41 7.00
N THR A 228 -7.31 12.29 6.21
CA THR A 228 -8.65 12.40 6.76
C THR A 228 -9.37 11.05 6.88
N GLY A 229 -8.60 9.96 6.97
CA GLY A 229 -9.17 8.63 7.04
C GLY A 229 -9.89 8.36 8.35
N LYS A 230 -10.77 7.36 8.35
CA LYS A 230 -11.50 7.00 9.56
C LYS A 230 -11.38 5.51 9.90
N MET A 231 -10.61 4.76 9.11
CA MET A 231 -10.54 3.31 9.31
C MET A 231 -9.84 2.98 10.63
N GLN A 232 -9.01 3.89 11.13
CA GLN A 232 -8.30 3.66 12.40
C GLN A 232 -9.27 3.39 13.55
N ASN A 233 -10.47 3.98 13.47
CA ASN A 233 -11.49 3.76 14.48
C ASN A 233 -12.11 2.36 14.43
N GLU A 234 -11.83 1.62 13.36
CA GLU A 234 -12.44 0.29 13.18
C GLU A 234 -11.44 -0.86 13.39
N LEU A 235 -10.18 -0.53 13.65
CA LEU A 235 -9.17 -1.55 13.89
C LEU A 235 -9.52 -2.35 15.15
N GLN A 236 -9.46 -3.67 15.06
CA GLN A 236 -9.82 -4.51 16.19
C GLN A 236 -8.60 -4.91 17.02
N VAL A 237 -7.46 -5.09 16.37
CA VAL A 237 -6.32 -5.64 17.08
C VAL A 237 -5.02 -4.84 16.95
N TYR A 238 -4.73 -4.32 15.75
CA TYR A 238 -3.42 -3.70 15.52
C TYR A 238 -3.14 -2.56 16.51
N GLY A 239 -2.00 -2.62 17.19
CA GLY A 239 -1.61 -1.58 18.12
C GLY A 239 -2.45 -1.50 19.38
N LYS A 240 -3.18 -2.57 19.70
CA LYS A 240 -4.09 -2.50 20.83
C LYS A 240 -3.77 -3.54 21.91
N THR A 241 -2.47 -3.78 22.08
CA THR A 241 -1.93 -4.72 23.05
C THR A 241 -2.53 -4.52 24.43
N GLY A 242 -3.07 -5.59 25.00
CA GLY A 242 -3.61 -5.55 26.35
C GLY A 242 -5.07 -5.12 26.43
N GLU A 243 -5.60 -4.59 25.33
CA GLU A 243 -6.99 -4.15 25.28
C GLU A 243 -7.90 -5.33 24.97
N LYS A 244 -9.20 -5.13 25.20
CA LYS A 244 -10.17 -6.20 25.06
C LYS A 244 -10.55 -6.46 23.59
N CYS A 245 -10.72 -7.74 23.26
CA CYS A 245 -11.25 -8.19 21.97
C CYS A 245 -12.77 -8.06 21.97
N SER A 246 -13.32 -7.67 23.13
CA SER A 246 -14.76 -7.72 23.43
C SER A 246 -15.29 -9.15 23.32
N ARG A 247 -14.37 -10.11 23.31
CA ARG A 247 -14.72 -11.51 23.38
C ARG A 247 -14.69 -11.96 24.84
N CYS A 248 -15.70 -11.53 25.59
CA CYS A 248 -15.91 -11.96 26.98
C CYS A 248 -14.69 -11.80 27.90
N GLY A 249 -13.88 -10.78 27.65
CA GLY A 249 -12.75 -10.50 28.52
C GLY A 249 -11.38 -10.86 27.97
N ALA A 250 -11.34 -11.47 26.79
CA ALA A 250 -10.07 -11.79 26.16
C ALA A 250 -9.29 -10.52 25.83
N GLU A 251 -7.97 -10.57 25.98
CA GLU A 251 -7.14 -9.39 25.68
C GLU A 251 -6.21 -9.66 24.50
N ILE A 252 -5.92 -8.59 23.77
CA ILE A 252 -5.03 -8.66 22.64
C ILE A 252 -3.59 -8.88 23.09
N GLN A 253 -2.94 -9.90 22.53
CA GLN A 253 -1.52 -10.16 22.79
C GLN A 253 -0.65 -9.68 21.63
N LYS A 254 0.56 -9.27 21.94
CA LYS A 254 1.53 -8.93 20.89
C LYS A 254 2.69 -9.90 20.98
N ILE A 255 2.99 -10.52 19.84
CA ILE A 255 4.17 -11.37 19.69
C ILE A 255 4.96 -10.93 18.46
N LYS A 256 6.12 -11.56 18.26
CA LYS A 256 6.93 -11.27 17.10
C LYS A 256 6.85 -12.47 16.14
N VAL A 257 6.48 -12.21 14.89
CA VAL A 257 6.38 -13.29 13.90
C VAL A 257 7.19 -12.93 12.66
N ALA A 258 8.20 -13.75 12.35
CA ALA A 258 9.14 -13.49 11.25
C ALA A 258 9.61 -12.04 11.25
N GLY A 259 10.00 -11.54 12.41
CA GLY A 259 10.55 -10.20 12.54
C GLY A 259 9.53 -9.09 12.67
N ARG A 260 8.25 -9.42 12.59
CA ARG A 260 7.24 -8.34 12.60
C ARG A 260 6.40 -8.38 13.87
N GLY A 261 6.14 -7.18 14.42
CA GLY A 261 5.20 -7.04 15.52
C GLY A 261 3.85 -7.62 15.10
N THR A 262 3.23 -8.40 15.98
CA THR A 262 2.04 -9.13 15.58
C THR A 262 0.98 -9.09 16.68
N HIS A 263 -0.18 -8.51 16.36
CA HIS A 263 -1.26 -8.34 17.32
C HIS A 263 -2.39 -9.33 17.01
N PHE A 264 -2.74 -10.16 18.00
CA PHE A 264 -3.82 -11.13 17.79
C PHE A 264 -4.49 -11.50 19.12
N CYS A 265 -5.67 -12.10 19.03
CA CYS A 265 -6.42 -12.58 20.19
C CYS A 265 -6.34 -14.10 20.22
N PRO A 266 -5.47 -14.64 21.09
CA PRO A 266 -5.19 -16.08 21.20
C PRO A 266 -6.45 -16.94 21.23
N VAL A 267 -7.44 -16.56 22.03
CA VAL A 267 -8.64 -17.37 22.19
C VAL A 267 -9.42 -17.46 20.86
N CYS A 268 -9.28 -16.42 20.04
CA CYS A 268 -9.96 -16.32 18.75
C CYS A 268 -9.18 -16.98 17.63
N GLN A 269 -7.88 -17.13 17.83
CA GLN A 269 -6.99 -17.48 16.75
C GLN A 269 -6.07 -18.65 17.11
N GLN A 270 -6.67 -19.74 17.56
CA GLN A 270 -5.91 -20.95 17.83
C GLN A 270 -5.53 -21.61 16.50
N LYS A 271 -4.36 -22.23 16.46
CA LYS A 271 -4.02 -23.11 15.34
C LYS A 271 -5.02 -24.27 15.24
C15 SOS B 7 1.62 3.74 11.39
C14 SOS B 7 2.09 2.58 12.04
C13 SOS B 7 3.43 2.22 11.90
C12 SOS B 7 4.29 3.00 11.12
C11 SOS B 7 3.83 4.16 10.48
C10 SOS B 7 2.49 4.53 10.62
C9 SOS B 7 2.00 5.77 9.93
N7 SOS B 7 1.64 5.53 8.52
C8 SOS B 7 2.27 6.12 7.43
O8 SOS B 7 1.91 5.86 6.27
C5 SOS B 7 0.55 4.65 8.24
C6 SOS B 7 -0.76 5.19 8.40
O6 SOS B 7 -1.08 6.29 8.78
N1 SOS B 7 -1.84 4.30 8.09
C2 SOS B 7 -1.60 3.02 7.66
N2 SOS B 7 -2.71 2.22 7.39
N3 SOS B 7 -0.37 2.48 7.48
C4 SOS B 7 0.73 3.32 7.78
N9 SOS B 7 2.00 2.79 7.61
C1' SOS B 7 2.13 1.37 7.18
C6' SOS B 7 1.57 0.41 8.33
C2' SOS B 7 3.62 1.00 7.10
C3' SOS B 7 3.57 -0.54 7.28
O3' SOS B 7 2.97 -1.16 6.19
C4' SOS B 7 2.62 -0.71 8.50
C5' SOS B 7 3.34 -0.59 9.86
O5' SOS B 7 4.26 -1.60 9.87
P SOS B 7 4.92 -1.97 11.51
OP2 SOS B 7 5.98 -3.02 11.18
OP1 SOS B 7 3.68 -2.37 12.28
C6 2ON D . -15.74 -13.63 17.25
N1 2ON D . -15.06 -14.13 18.39
C2 2ON D . -13.64 -14.22 18.39
N3 2ON D . -12.91 -13.82 17.21
C4 2ON D . -13.59 -13.32 16.04
C5 2ON D . -14.97 -13.22 16.05
N9 2ON D . -13.13 -12.89 14.82
C8 2ON D . -14.22 -12.52 14.07
N7 2ON D . -15.34 -12.73 14.83
O6 2ON D . -16.96 -13.55 17.26
S2 2ON D . -12.83 -14.79 19.72
#